data_1MW5
#
_entry.id   1MW5
#
_cell.length_a   79.289
_cell.length_b   79.289
_cell.length_c   143.842
_cell.angle_alpha   90.00
_cell.angle_beta   90.00
_cell.angle_gamma   120.00
#
_symmetry.space_group_name_H-M   'P 64'
#
loop_
_entity.id
_entity.type
_entity.pdbx_description
1 polymer 'HYPOTHETICAL PROTEIN HI1480'
2 water water
#
_entity_poly.entity_id   1
_entity_poly.type   'polypeptide(L)'
_entity_poly.pdbx_seq_one_letter_code
;GSH(MSE)SETDLL(MSE)K(MSE)VRQPVKLYSVATLFHEFSEVITKLEHSVQKEPTSLLSEENWHKQFLKFAQALPAH
GSASWLNLDDALQAVVGNSRSAFLHQLIAKLKSRHLQVLELNKIGSEPLDLSNLPAPFYVLLPESFAARITLLVQDKALP
YVRVS(MSE)EYWHALEYKGELNDPAANKARKEAELAAATAEQ
;
_entity_poly.pdbx_strand_id   A,B
#
# COMPACT_ATOMS: atom_id res chain seq x y z
N GLU A 6 -1.18 -8.14 16.70
CA GLU A 6 -1.95 -6.88 16.42
C GLU A 6 -1.01 -5.83 15.84
N THR A 7 -0.23 -5.19 16.69
CA THR A 7 0.70 -4.19 16.20
C THR A 7 1.75 -4.92 15.35
N ASP A 8 1.99 -6.19 15.68
CA ASP A 8 2.91 -7.02 14.92
C ASP A 8 2.40 -7.08 13.48
N LEU A 9 1.10 -7.36 13.31
CA LEU A 9 0.52 -7.45 11.99
C LEU A 9 0.60 -6.13 11.24
N LEU A 10 0.39 -5.02 11.93
CA LEU A 10 0.45 -3.75 11.26
C LEU A 10 1.89 -3.37 10.89
N MSE A 11 2.86 -3.73 11.72
CA MSE A 11 4.23 -3.44 11.36
C MSE A 11 4.59 -4.25 10.10
O MSE A 11 5.28 -3.74 9.20
CB MSE A 11 5.21 -3.74 12.50
CG MSE A 11 5.13 -2.67 13.67
SE MSE A 11 4.73 -0.84 13.08
CE MSE A 11 6.40 -0.44 12.13
N LYS A 12 4.13 -5.50 10.01
CA LYS A 12 4.37 -6.32 8.83
C LYS A 12 3.86 -5.61 7.59
N MSE A 13 2.73 -4.91 7.74
N MSE A 13 2.72 -4.91 7.73
CA MSE A 13 2.16 -4.19 6.63
CA MSE A 13 2.16 -4.18 6.61
C MSE A 13 2.94 -2.92 6.28
C MSE A 13 2.96 -2.93 6.28
O MSE A 13 3.09 -2.59 5.12
O MSE A 13 3.14 -2.61 5.11
CB MSE A 13 0.69 -3.85 6.90
CB MSE A 13 0.70 -3.75 6.88
CG MSE A 13 -0.20 -5.10 7.16
CG MSE A 13 -0.36 -4.88 6.91
SE MSE A 13 -0.15 -6.39 5.68
SE MSE A 13 -0.42 -5.90 5.32
CE MSE A 13 -1.23 -5.28 4.45
CE MSE A 13 0.58 -7.50 6.13
N VAL A 14 3.44 -2.19 7.28
CA VAL A 14 4.19 -0.98 6.96
C VAL A 14 5.59 -1.30 6.33
N ARG A 15 6.11 -2.47 6.61
CA ARG A 15 7.43 -2.91 6.09
C ARG A 15 7.42 -3.51 4.69
N GLN A 16 6.32 -3.40 3.95
CA GLN A 16 6.29 -3.94 2.57
C GLN A 16 5.32 -3.22 1.70
N PRO A 17 5.46 -3.39 0.37
CA PRO A 17 4.54 -2.74 -0.56
C PRO A 17 3.15 -3.35 -0.26
N VAL A 18 2.12 -2.52 -0.19
CA VAL A 18 0.77 -2.99 0.11
C VAL A 18 -0.21 -2.59 -0.96
N LYS A 19 -1.40 -3.16 -0.88
CA LYS A 19 -2.42 -2.96 -1.89
C LYS A 19 -3.83 -2.78 -1.29
N LEU A 20 -4.62 -1.90 -1.88
CA LEU A 20 -5.99 -1.65 -1.40
C LEU A 20 -7.03 -2.52 -2.11
N TYR A 21 -7.82 -3.28 -1.35
CA TYR A 21 -8.87 -4.11 -1.94
C TYR A 21 -10.30 -3.70 -1.51
N SER A 22 -11.23 -3.53 -2.44
CA SER A 22 -12.64 -3.32 -2.07
C SER A 22 -13.08 -4.75 -1.66
N VAL A 23 -14.22 -4.87 -0.96
CA VAL A 23 -14.70 -6.19 -0.54
C VAL A 23 -14.99 -7.00 -1.78
N ALA A 24 -15.58 -6.36 -2.81
CA ALA A 24 -15.86 -7.09 -4.06
C ALA A 24 -14.58 -7.66 -4.73
N THR A 25 -13.52 -6.84 -4.83
CA THR A 25 -12.31 -7.34 -5.49
C THR A 25 -11.65 -8.44 -4.66
N LEU A 26 -11.73 -8.37 -3.33
CA LEU A 26 -11.15 -9.45 -2.51
C LEU A 26 -11.97 -10.76 -2.71
N PHE A 27 -13.30 -10.65 -2.73
CA PHE A 27 -14.15 -11.83 -2.94
C PHE A 27 -13.78 -12.45 -4.31
N HIS A 28 -13.61 -11.59 -5.31
CA HIS A 28 -13.24 -12.04 -6.65
C HIS A 28 -11.84 -12.68 -6.62
N GLU A 29 -10.90 -12.14 -5.83
CA GLU A 29 -9.60 -12.80 -5.77
C GLU A 29 -9.72 -14.21 -5.20
N PHE A 30 -10.53 -14.38 -4.14
CA PHE A 30 -10.76 -15.71 -3.57
C PHE A 30 -11.35 -16.64 -4.63
N SER A 31 -12.29 -16.11 -5.41
CA SER A 31 -12.92 -16.97 -6.45
C SER A 31 -11.86 -17.45 -7.45
N GLU A 32 -10.99 -16.54 -7.89
CA GLU A 32 -9.93 -16.89 -8.86
C GLU A 32 -8.93 -17.91 -8.33
N VAL A 33 -8.38 -17.68 -7.13
CA VAL A 33 -7.42 -18.60 -6.53
C VAL A 33 -8.02 -19.99 -6.30
N ILE A 34 -9.25 -20.02 -5.78
CA ILE A 34 -9.92 -21.27 -5.55
C ILE A 34 -10.17 -22.07 -6.84
N THR A 35 -10.67 -21.46 -7.92
CA THR A 35 -10.91 -22.27 -9.12
C THR A 35 -9.60 -22.78 -9.72
N LYS A 36 -8.53 -21.99 -9.62
CA LYS A 36 -7.24 -22.44 -10.10
C LYS A 36 -6.79 -23.65 -9.32
N LEU A 37 -6.87 -23.58 -7.98
CA LEU A 37 -6.45 -24.72 -7.16
C LEU A 37 -7.34 -25.95 -7.44
N GLU A 38 -8.63 -25.76 -7.70
CA GLU A 38 -9.47 -26.92 -8.00
C GLU A 38 -9.01 -27.56 -9.29
N HIS A 39 -8.41 -26.78 -10.19
CA HIS A 39 -7.95 -27.36 -11.45
C HIS A 39 -6.76 -28.26 -11.19
N SER A 40 -6.10 -28.12 -10.04
CA SER A 40 -4.95 -28.98 -9.80
C SER A 40 -5.32 -30.30 -9.12
N VAL A 41 -6.58 -30.42 -8.74
CA VAL A 41 -7.05 -31.60 -8.06
C VAL A 41 -6.98 -32.81 -9.00
N GLN A 42 -6.39 -33.88 -8.49
CA GLN A 42 -6.29 -35.13 -9.22
C GLN A 42 -7.11 -36.16 -8.41
N LYS A 43 -6.48 -36.90 -7.51
CA LYS A 43 -7.20 -37.87 -6.70
C LYS A 43 -7.72 -37.25 -5.40
N GLU A 44 -8.68 -37.93 -4.80
CA GLU A 44 -9.24 -37.48 -3.54
C GLU A 44 -8.28 -37.89 -2.42
N PRO A 45 -8.09 -37.03 -1.41
CA PRO A 45 -7.19 -37.39 -0.30
C PRO A 45 -7.78 -38.53 0.55
N THR A 46 -6.94 -39.35 1.15
CA THR A 46 -7.46 -40.43 1.97
C THR A 46 -7.30 -40.02 3.42
N SER A 47 -6.08 -39.83 3.85
CA SER A 47 -5.84 -39.40 5.21
C SER A 47 -5.41 -37.94 5.14
N LEU A 48 -5.82 -37.11 6.10
CA LEU A 48 -5.41 -35.71 6.05
C LEU A 48 -4.51 -35.14 7.14
N LEU A 49 -3.82 -34.07 6.76
CA LEU A 49 -2.84 -33.42 7.62
C LEU A 49 -3.32 -32.83 8.92
N SER A 50 -2.45 -32.86 9.92
CA SER A 50 -2.73 -32.28 11.20
C SER A 50 -2.34 -30.83 11.07
N GLU A 51 -2.95 -29.96 11.87
CA GLU A 51 -2.62 -28.54 11.80
C GLU A 51 -1.12 -28.34 12.00
N GLU A 52 -0.47 -29.36 12.51
CA GLU A 52 0.97 -29.25 12.71
C GLU A 52 1.66 -29.47 11.37
N ASN A 53 1.34 -30.60 10.75
CA ASN A 53 1.92 -30.94 9.48
C ASN A 53 1.38 -30.12 8.34
N TRP A 54 0.16 -29.63 8.49
CA TRP A 54 -0.42 -28.86 7.39
C TRP A 54 0.33 -27.54 7.33
N HIS A 55 0.67 -26.97 8.48
CA HIS A 55 1.39 -25.73 8.45
C HIS A 55 2.83 -25.84 7.92
N LYS A 56 3.46 -26.97 8.20
CA LYS A 56 4.82 -27.23 7.72
C LYS A 56 4.77 -27.30 6.19
N GLN A 57 3.73 -27.95 5.66
CA GLN A 57 3.57 -28.06 4.23
C GLN A 57 3.15 -26.73 3.57
N PHE A 58 2.37 -25.93 4.29
CA PHE A 58 1.94 -24.67 3.73
C PHE A 58 3.13 -23.71 3.56
N LEU A 59 4.07 -23.79 4.49
CA LEU A 59 5.26 -22.95 4.43
C LEU A 59 6.07 -23.22 3.15
N LYS A 60 6.27 -24.49 2.83
CA LYS A 60 7.00 -24.89 1.64
C LYS A 60 6.24 -24.45 0.41
N PHE A 61 4.90 -24.51 0.50
CA PHE A 61 4.03 -24.12 -0.61
C PHE A 61 4.16 -22.63 -0.84
N ALA A 62 4.07 -21.84 0.23
CA ALA A 62 4.15 -20.39 0.10
C ALA A 62 5.52 -19.91 -0.38
N GLN A 63 6.58 -20.55 0.08
CA GLN A 63 7.93 -20.18 -0.38
C GLN A 63 8.08 -20.41 -1.87
N ALA A 64 7.29 -21.30 -2.44
CA ALA A 64 7.37 -21.56 -3.88
C ALA A 64 6.37 -20.74 -4.72
N LEU A 65 5.60 -19.87 -4.07
CA LEU A 65 4.65 -19.00 -4.78
C LEU A 65 5.35 -17.72 -5.28
N PRO A 66 4.78 -17.04 -6.29
CA PRO A 66 5.42 -15.81 -6.79
C PRO A 66 5.31 -14.69 -5.77
N ALA A 67 6.31 -13.82 -5.73
CA ALA A 67 6.28 -12.64 -4.88
C ALA A 67 5.85 -11.54 -5.86
N HIS A 68 5.53 -11.92 -7.10
CA HIS A 68 4.95 -10.96 -8.05
C HIS A 68 3.52 -10.72 -7.43
N GLY A 69 2.79 -9.72 -7.92
CA GLY A 69 1.47 -9.42 -7.36
C GLY A 69 0.35 -10.42 -7.65
N SER A 70 0.58 -11.39 -8.54
CA SER A 70 -0.45 -12.36 -8.87
C SER A 70 0.17 -13.70 -9.18
N ALA A 71 -0.67 -14.71 -9.37
CA ALA A 71 -0.21 -16.06 -9.67
C ALA A 71 -1.14 -16.70 -10.73
N SER A 72 -0.55 -17.33 -11.74
CA SER A 72 -1.33 -18.00 -12.79
C SER A 72 -1.56 -19.42 -12.27
N TRP A 73 -2.35 -20.21 -13.00
CA TRP A 73 -2.62 -21.58 -12.58
C TRP A 73 -1.30 -22.31 -12.50
N LEU A 74 -0.49 -22.20 -13.55
CA LEU A 74 0.82 -22.85 -13.53
C LEU A 74 1.64 -22.47 -12.31
N ASN A 75 1.65 -21.18 -11.94
CA ASN A 75 2.44 -20.79 -10.76
C ASN A 75 1.94 -21.55 -9.53
N LEU A 76 0.61 -21.68 -9.39
CA LEU A 76 0.03 -22.38 -8.22
C LEU A 76 0.33 -23.86 -8.28
N ASP A 77 0.17 -24.45 -9.46
CA ASP A 77 0.45 -25.87 -9.59
C ASP A 77 1.92 -26.17 -9.37
N ASP A 78 2.81 -25.28 -9.85
CA ASP A 78 4.24 -25.52 -9.60
C ASP A 78 4.51 -25.47 -8.10
N ALA A 79 3.88 -24.51 -7.41
CA ALA A 79 4.10 -24.38 -5.96
C ALA A 79 3.61 -25.62 -5.22
N LEU A 80 2.56 -26.25 -5.74
CA LEU A 80 2.06 -27.47 -5.11
C LEU A 80 3.14 -28.57 -5.07
N GLN A 81 4.00 -28.60 -6.09
CA GLN A 81 5.07 -29.61 -6.16
C GLN A 81 6.08 -29.53 -5.04
N ALA A 82 6.18 -28.37 -4.39
CA ALA A 82 7.15 -28.21 -3.29
C ALA A 82 6.64 -28.95 -2.07
N VAL A 83 5.37 -29.33 -2.11
CA VAL A 83 4.78 -30.07 -0.99
C VAL A 83 5.20 -31.55 -1.13
N VAL A 84 5.54 -32.22 -0.03
CA VAL A 84 5.93 -33.64 -0.12
C VAL A 84 4.82 -34.34 -0.88
N GLY A 85 5.22 -35.21 -1.81
CA GLY A 85 4.29 -35.92 -2.65
C GLY A 85 3.23 -36.75 -1.96
N ASN A 86 3.54 -37.26 -0.78
CA ASN A 86 2.60 -38.07 -0.03
C ASN A 86 1.53 -37.22 0.64
N SER A 87 1.87 -36.00 1.01
CA SER A 87 0.94 -35.11 1.68
C SER A 87 0.26 -34.11 0.74
N ARG A 88 0.61 -34.15 -0.54
CA ARG A 88 0.07 -33.21 -1.51
C ARG A 88 -1.45 -33.16 -1.76
N SER A 89 -2.08 -34.28 -2.12
CA SER A 89 -3.51 -34.26 -2.36
C SER A 89 -4.29 -33.85 -1.12
N ALA A 90 -3.76 -34.18 0.05
CA ALA A 90 -4.41 -33.82 1.32
C ALA A 90 -4.21 -32.34 1.56
N PHE A 91 -2.97 -31.90 1.39
CA PHE A 91 -2.67 -30.49 1.56
C PHE A 91 -3.58 -29.66 0.66
N LEU A 92 -3.68 -30.04 -0.61
CA LEU A 92 -4.49 -29.33 -1.58
C LEU A 92 -6.01 -29.27 -1.22
N HIS A 93 -6.59 -30.41 -0.86
N HIS A 93 -6.57 -30.43 -0.84
CA HIS A 93 -8.00 -30.40 -0.50
CA HIS A 93 -7.98 -30.53 -0.44
C HIS A 93 -8.22 -29.62 0.80
C HIS A 93 -8.22 -29.65 0.79
N GLN A 94 -7.29 -29.73 1.73
CA GLN A 94 -7.38 -28.98 2.98
C GLN A 94 -7.28 -27.46 2.73
N LEU A 95 -6.40 -27.07 1.79
CA LEU A 95 -6.19 -25.65 1.42
C LEU A 95 -7.47 -25.06 0.77
N ILE A 96 -8.08 -25.81 -0.15
CA ILE A 96 -9.31 -25.41 -0.82
C ILE A 96 -10.45 -25.25 0.24
N ALA A 97 -10.53 -26.19 1.19
CA ALA A 97 -11.59 -26.09 2.21
C ALA A 97 -11.34 -24.85 3.10
N LYS A 98 -10.11 -24.62 3.54
CA LYS A 98 -9.84 -23.42 4.34
C LYS A 98 -10.17 -22.17 3.57
N LEU A 99 -9.87 -22.15 2.26
CA LEU A 99 -10.16 -20.92 1.47
C LEU A 99 -11.64 -20.72 1.23
N LYS A 100 -12.36 -21.80 0.96
CA LYS A 100 -13.82 -21.66 0.73
C LYS A 100 -14.55 -21.19 2.02
N SER A 101 -14.04 -21.59 3.17
CA SER A 101 -14.65 -21.20 4.45
C SER A 101 -14.48 -19.68 4.65
N ARG A 102 -13.27 -19.16 4.41
CA ARG A 102 -13.06 -17.72 4.54
C ARG A 102 -13.68 -16.97 3.41
N HIS A 103 -13.87 -17.64 2.29
CA HIS A 103 -14.46 -16.99 1.15
C HIS A 103 -15.85 -16.49 1.56
N LEU A 104 -16.59 -17.29 2.32
CA LEU A 104 -17.94 -16.89 2.77
C LEU A 104 -17.85 -15.75 3.78
N GLN A 105 -16.87 -15.84 4.69
CA GLN A 105 -16.71 -14.80 5.69
C GLN A 105 -16.39 -13.43 5.08
N VAL A 106 -15.78 -13.42 3.89
CA VAL A 106 -15.42 -12.16 3.26
C VAL A 106 -16.68 -11.28 3.07
N LEU A 107 -17.81 -11.92 2.77
CA LEU A 107 -19.08 -11.21 2.59
C LEU A 107 -19.49 -10.39 3.83
N GLU A 108 -19.15 -10.89 5.01
CA GLU A 108 -19.46 -10.16 6.26
C GLU A 108 -18.77 -8.79 6.33
N LEU A 109 -17.70 -8.57 5.55
CA LEU A 109 -17.00 -7.28 5.60
C LEU A 109 -17.88 -6.18 5.03
N ASN A 110 -18.96 -6.55 4.35
CA ASN A 110 -19.81 -5.50 3.79
C ASN A 110 -20.53 -4.72 4.90
N LYS A 111 -20.65 -5.32 6.09
CA LYS A 111 -21.30 -4.64 7.22
C LYS A 111 -20.41 -3.47 7.60
N ILE A 112 -19.27 -3.82 8.17
CA ILE A 112 -18.24 -2.86 8.59
C ILE A 112 -17.96 -1.82 7.50
N GLY A 113 -17.70 -2.30 6.29
CA GLY A 113 -17.41 -1.43 5.18
C GLY A 113 -18.47 -0.40 4.87
N SER A 114 -19.73 -0.73 5.10
CA SER A 114 -20.84 0.18 4.82
C SER A 114 -21.06 1.28 5.84
N GLU A 115 -20.57 1.09 7.07
CA GLU A 115 -20.71 2.06 8.15
C GLU A 115 -20.10 3.39 7.77
N PRO A 116 -20.92 4.46 7.76
CA PRO A 116 -20.34 5.76 7.38
C PRO A 116 -19.22 6.29 8.28
N LEU A 117 -18.33 7.05 7.66
CA LEU A 117 -17.22 7.66 8.39
C LEU A 117 -16.67 8.84 7.61
N ASP A 118 -16.38 9.92 8.32
CA ASP A 118 -15.81 11.12 7.72
C ASP A 118 -14.49 11.29 8.42
N LEU A 119 -13.47 11.63 7.65
CA LEU A 119 -12.15 11.89 8.22
C LEU A 119 -11.77 13.14 7.49
N SER A 120 -11.21 14.12 8.20
CA SER A 120 -10.82 15.37 7.58
C SER A 120 -11.95 15.95 6.77
N ASN A 121 -13.17 15.81 7.29
CA ASN A 121 -14.34 16.38 6.64
C ASN A 121 -14.69 15.83 5.28
N LEU A 122 -14.36 14.57 5.05
CA LEU A 122 -14.68 13.93 3.77
C LEU A 122 -15.11 12.50 4.08
N PRO A 123 -15.90 11.88 3.19
CA PRO A 123 -16.36 10.50 3.38
C PRO A 123 -15.09 9.64 3.28
N ALA A 124 -14.84 8.80 4.27
CA ALA A 124 -13.64 7.95 4.26
C ALA A 124 -13.99 6.53 3.88
N PRO A 125 -13.76 6.16 2.61
CA PRO A 125 -14.07 4.80 2.15
C PRO A 125 -13.24 3.71 2.85
N PHE A 126 -13.85 2.55 2.94
CA PHE A 126 -13.28 1.34 3.54
C PHE A 126 -12.55 0.49 2.46
N TYR A 127 -11.37 -0.03 2.80
CA TYR A 127 -10.62 -0.93 1.91
C TYR A 127 -9.85 -1.91 2.74
N VAL A 128 -9.84 -3.16 2.32
CA VAL A 128 -9.01 -4.14 2.99
C VAL A 128 -7.57 -3.75 2.54
N LEU A 129 -6.60 -3.91 3.43
CA LEU A 129 -5.21 -3.61 3.11
C LEU A 129 -4.39 -4.94 3.16
N LEU A 130 -3.80 -5.32 2.03
CA LEU A 130 -3.02 -6.57 1.98
C LEU A 130 -1.66 -6.44 1.28
N PRO A 131 -0.76 -7.43 1.47
CA PRO A 131 0.55 -7.36 0.81
C PRO A 131 0.37 -7.35 -0.72
N GLU A 132 1.28 -6.68 -1.41
CA GLU A 132 1.28 -6.66 -2.90
C GLU A 132 1.74 -8.06 -3.36
N SER A 133 2.74 -8.61 -2.66
CA SER A 133 3.27 -9.92 -2.98
C SER A 133 2.18 -10.98 -2.78
N PHE A 134 2.01 -11.82 -3.79
CA PHE A 134 1.01 -12.91 -3.75
C PHE A 134 1.33 -13.93 -2.65
N ALA A 135 2.58 -14.34 -2.56
CA ALA A 135 2.93 -15.31 -1.52
C ALA A 135 2.61 -14.77 -0.12
N ALA A 136 2.94 -13.50 0.11
CA ALA A 136 2.70 -12.86 1.41
C ALA A 136 1.20 -12.66 1.62
N ARG A 137 0.49 -12.28 0.57
CA ARG A 137 -0.93 -12.08 0.67
C ARG A 137 -1.74 -13.36 0.96
N ILE A 138 -1.41 -14.44 0.26
CA ILE A 138 -2.11 -15.70 0.48
C ILE A 138 -1.81 -16.28 1.84
N THR A 139 -0.61 -16.05 2.34
CA THR A 139 -0.20 -16.54 3.66
C THR A 139 -1.07 -15.82 4.72
N LEU A 140 -1.18 -14.50 4.58
CA LEU A 140 -1.98 -13.73 5.52
C LEU A 140 -3.46 -14.19 5.50
N LEU A 141 -4.07 -14.25 4.33
CA LEU A 141 -5.46 -14.66 4.19
C LEU A 141 -5.72 -16.10 4.71
N VAL A 142 -4.76 -17.00 4.51
CA VAL A 142 -4.97 -18.37 4.96
C VAL A 142 -4.59 -18.62 6.44
N GLN A 143 -3.47 -18.07 6.87
CA GLN A 143 -2.94 -18.33 8.19
C GLN A 143 -3.25 -17.34 9.30
N ASP A 144 -3.39 -16.06 8.99
CA ASP A 144 -3.62 -15.08 10.06
C ASP A 144 -5.01 -15.10 10.65
N LYS A 145 -5.10 -14.63 11.90
CA LYS A 145 -6.35 -14.56 12.63
C LYS A 145 -7.04 -13.23 12.37
N ALA A 146 -6.32 -12.31 11.72
CA ALA A 146 -6.86 -10.98 11.44
C ALA A 146 -6.61 -10.53 10.03
N LEU A 147 -7.42 -9.60 9.57
CA LEU A 147 -7.34 -9.07 8.24
C LEU A 147 -7.28 -7.55 8.39
N PRO A 148 -6.21 -6.90 7.86
CA PRO A 148 -6.18 -5.44 8.03
C PRO A 148 -6.99 -4.66 7.06
N TYR A 149 -7.39 -3.45 7.50
CA TYR A 149 -8.18 -2.58 6.64
C TYR A 149 -7.85 -1.15 6.92
N VAL A 150 -8.39 -0.32 6.08
CA VAL A 150 -8.07 1.04 6.15
C VAL A 150 -9.31 1.86 5.85
N ARG A 151 -9.35 3.08 6.37
CA ARG A 151 -10.37 4.05 6.04
C ARG A 151 -9.52 5.10 5.33
N VAL A 152 -9.86 5.45 4.11
CA VAL A 152 -9.03 6.39 3.38
C VAL A 152 -9.53 7.81 3.26
N SER A 153 -8.62 8.78 3.38
CA SER A 153 -9.00 10.19 3.23
C SER A 153 -7.82 10.99 2.62
N MSE A 154 -7.82 12.31 2.81
CA MSE A 154 -6.73 13.15 2.31
C MSE A 154 -6.71 14.54 2.98
O MSE A 154 -7.74 15.02 3.47
CB MSE A 154 -6.91 13.35 0.83
CG MSE A 154 -8.13 14.19 0.50
SE MSE A 154 -8.43 14.07 -1.34
CE MSE A 154 -8.11 15.70 -2.00
N GLU A 155 -5.53 15.15 3.02
CA GLU A 155 -5.43 16.52 3.55
C GLU A 155 -4.96 17.36 2.41
N TYR A 156 -5.58 18.51 2.22
CA TYR A 156 -5.10 19.40 1.19
C TYR A 156 -3.90 20.12 1.77
N TRP A 157 -2.88 20.35 0.94
CA TRP A 157 -1.69 21.05 1.40
C TRP A 157 -2.07 22.47 1.87
N HIS A 158 -3.03 23.14 1.20
CA HIS A 158 -3.46 24.48 1.63
C HIS A 158 -3.89 24.47 3.12
N ALA A 159 -4.48 23.37 3.59
CA ALA A 159 -4.88 23.27 4.99
C ALA A 159 -3.69 23.02 5.93
N LEU A 160 -2.51 22.78 5.37
CA LEU A 160 -1.34 22.51 6.21
C LEU A 160 -0.47 23.76 6.27
N GLU A 161 -0.91 24.84 5.61
CA GLU A 161 -0.17 26.09 5.64
C GLU A 161 -0.35 26.74 7.01
N TYR A 162 0.51 27.70 7.36
CA TYR A 162 0.43 28.38 8.66
C TYR A 162 -0.85 29.24 8.73
N LYS A 163 -1.69 29.00 9.71
CA LYS A 163 -2.92 29.75 9.81
C LYS A 163 -2.98 30.79 10.92
N GLY A 164 -1.84 31.10 11.54
CA GLY A 164 -1.82 32.14 12.56
C GLY A 164 -1.78 31.63 13.97
N GLU A 165 -1.61 32.54 14.94
CA GLU A 165 -1.50 32.18 16.36
C GLU A 165 -2.80 31.93 17.09
N LEU A 166 -3.92 32.28 16.48
CA LEU A 166 -5.20 32.06 17.15
C LEU A 166 -5.95 30.82 16.67
N ASN A 167 -5.22 29.69 16.58
CA ASN A 167 -5.76 28.39 16.16
C ASN A 167 -6.51 28.39 14.83
N GLU B 6 -10.23 14.36 -6.23
CA GLU B 6 -10.46 13.75 -4.88
C GLU B 6 -10.49 12.23 -5.04
N THR B 7 -11.57 11.72 -5.61
CA THR B 7 -11.65 10.28 -5.80
C THR B 7 -10.74 9.83 -6.95
N ASP B 8 -10.25 10.79 -7.74
CA ASP B 8 -9.32 10.47 -8.81
C ASP B 8 -7.99 10.13 -8.14
N LEU B 9 -7.64 10.90 -7.11
CA LEU B 9 -6.40 10.69 -6.38
C LEU B 9 -6.48 9.32 -5.72
N LEU B 10 -7.62 9.05 -5.09
CA LEU B 10 -7.85 7.79 -4.43
C LEU B 10 -7.75 6.63 -5.43
N MSE B 11 -8.35 6.76 -6.60
CA MSE B 11 -8.26 5.66 -7.58
C MSE B 11 -6.81 5.46 -8.03
O MSE B 11 -6.38 4.34 -8.29
CB MSE B 11 -9.14 5.92 -8.79
CG MSE B 11 -10.67 5.80 -8.49
SE MSE B 11 -11.11 4.41 -7.22
CE MSE B 11 -10.57 2.75 -8.18
N LYS B 12 -6.05 6.56 -8.11
CA LYS B 12 -4.65 6.47 -8.50
C LYS B 12 -3.91 5.65 -7.48
N MSE B 13 -4.30 5.78 -6.22
N MSE B 13 -4.28 5.78 -6.21
CA MSE B 13 -3.63 5.05 -5.17
CA MSE B 13 -3.62 5.02 -5.17
C MSE B 13 -4.08 3.59 -5.22
C MSE B 13 -4.07 3.57 -5.26
O MSE B 13 -3.30 2.69 -5.00
O MSE B 13 -3.28 2.66 -5.10
CB MSE B 13 -3.96 5.67 -3.80
CB MSE B 13 -3.96 5.56 -3.75
CG MSE B 13 -3.55 7.18 -3.71
CG MSE B 13 -3.34 6.92 -3.37
SE MSE B 13 -1.65 7.43 -4.12
SE MSE B 13 -1.49 7.00 -3.61
CE MSE B 13 -1.01 6.52 -2.58
CE MSE B 13 -1.49 8.21 -5.22
N VAL B 14 -5.36 3.37 -5.51
CA VAL B 14 -5.89 2.02 -5.58
C VAL B 14 -5.22 1.21 -6.74
N ARG B 15 -4.87 1.89 -7.83
CA ARG B 15 -4.25 1.23 -9.00
C ARG B 15 -2.76 0.97 -8.95
N GLN B 16 -2.11 1.16 -7.79
CA GLN B 16 -0.68 0.88 -7.75
C GLN B 16 -0.22 0.44 -6.40
N PRO B 17 0.99 -0.14 -6.36
CA PRO B 17 1.52 -0.59 -5.08
C PRO B 17 1.72 0.69 -4.23
N VAL B 18 1.28 0.64 -2.97
CA VAL B 18 1.42 1.78 -2.08
C VAL B 18 2.20 1.46 -0.85
N LYS B 19 2.50 2.53 -0.09
CA LYS B 19 3.33 2.45 1.09
C LYS B 19 2.80 3.35 2.25
N LEU B 20 2.91 2.86 3.47
CA LEU B 20 2.47 3.61 4.66
C LEU B 20 3.61 4.41 5.25
N TYR B 21 3.41 5.71 5.42
CA TYR B 21 4.42 6.57 6.05
C TYR B 21 3.94 7.21 7.36
N SER B 22 4.71 7.09 8.44
CA SER B 22 4.40 7.84 9.66
C SER B 22 4.82 9.29 9.30
N VAL B 23 4.34 10.28 10.05
CA VAL B 23 4.70 11.66 9.78
C VAL B 23 6.21 11.83 9.87
N ALA B 24 6.82 11.18 10.87
CA ALA B 24 8.27 11.31 11.06
C ALA B 24 9.04 10.74 9.83
N THR B 25 8.61 9.58 9.36
CA THR B 25 9.28 8.97 8.21
C THR B 25 9.09 9.81 6.97
N LEU B 26 7.94 10.47 6.79
CA LEU B 26 7.75 11.35 5.62
C LEU B 26 8.65 12.58 5.75
N PHE B 27 8.76 13.12 6.95
CA PHE B 27 9.60 14.30 7.16
C PHE B 27 11.06 13.93 6.80
N HIS B 28 11.46 12.75 7.25
CA HIS B 28 12.83 12.28 7.00
C HIS B 28 13.05 12.05 5.51
N GLU B 29 12.05 11.58 4.78
CA GLU B 29 12.23 11.40 3.35
C GLU B 29 12.46 12.74 2.68
N PHE B 30 11.71 13.76 3.10
CA PHE B 30 11.90 15.10 2.54
C PHE B 30 13.34 15.57 2.82
N SER B 31 13.80 15.33 4.04
CA SER B 31 15.16 15.78 4.38
C SER B 31 16.18 15.07 3.44
N GLU B 32 16.04 13.76 3.24
CA GLU B 32 16.96 13.01 2.36
C GLU B 32 16.95 13.48 0.91
N VAL B 33 15.76 13.65 0.32
CA VAL B 33 15.64 14.10 -1.06
C VAL B 33 16.20 15.50 -1.27
N ILE B 34 15.86 16.39 -0.34
CA ILE B 34 16.34 17.78 -0.43
C ILE B 34 17.86 17.87 -0.33
N THR B 35 18.44 17.13 0.60
CA THR B 35 19.88 17.20 0.74
C THR B 35 20.61 16.66 -0.51
N LYS B 36 20.08 15.58 -1.11
CA LYS B 36 20.68 15.04 -2.33
C LYS B 36 20.59 16.04 -3.46
N LEU B 37 19.42 16.64 -3.65
CA LEU B 37 19.25 17.64 -4.70
C LEU B 37 20.19 18.83 -4.48
N GLU B 38 20.38 19.23 -3.22
CA GLU B 38 21.28 20.36 -2.97
C GLU B 38 22.72 20.01 -3.38
N HIS B 39 23.06 18.72 -3.31
CA HIS B 39 24.42 18.31 -3.68
C HIS B 39 24.59 18.46 -5.19
N SER B 40 23.50 18.57 -5.91
CA SER B 40 23.58 18.72 -7.37
C SER B 40 23.68 20.17 -7.84
N VAL B 41 23.51 21.11 -6.92
CA VAL B 41 23.52 22.51 -7.28
C VAL B 41 24.91 22.92 -7.73
N GLN B 42 24.98 23.53 -8.91
CA GLN B 42 26.27 24.00 -9.42
C GLN B 42 26.30 25.55 -9.32
N LYS B 43 25.65 26.25 -10.23
CA LYS B 43 25.62 27.71 -10.15
C LYS B 43 24.18 28.15 -9.90
N GLU B 44 24.00 29.31 -9.29
CA GLU B 44 22.66 29.80 -8.97
C GLU B 44 21.95 30.22 -10.25
N PRO B 45 20.61 30.12 -10.28
CA PRO B 45 19.81 30.50 -11.47
C PRO B 45 19.74 32.02 -11.71
N THR B 46 19.56 32.41 -12.97
CA THR B 46 19.46 33.82 -13.31
C THR B 46 17.98 34.03 -13.61
N SER B 47 17.50 33.33 -14.60
CA SER B 47 16.10 33.43 -14.97
C SER B 47 15.41 32.43 -14.04
N LEU B 48 14.09 32.34 -14.11
CA LEU B 48 13.33 31.39 -13.29
C LEU B 48 12.08 30.94 -14.03
N LEU B 49 11.98 29.63 -14.24
CA LEU B 49 10.88 29.04 -15.00
C LEU B 49 9.50 29.48 -14.61
N SER B 50 8.66 29.78 -15.60
CA SER B 50 7.30 30.14 -15.28
C SER B 50 6.77 28.83 -14.76
N GLU B 51 5.63 28.85 -14.08
CA GLU B 51 5.05 27.63 -13.54
C GLU B 51 4.58 26.74 -14.70
N GLU B 52 4.41 27.35 -15.85
CA GLU B 52 3.97 26.63 -17.05
C GLU B 52 5.14 25.79 -17.58
N ASN B 53 6.30 26.42 -17.68
CA ASN B 53 7.47 25.72 -18.16
C ASN B 53 8.09 24.87 -17.08
N TRP B 54 7.87 25.23 -15.82
CA TRP B 54 8.43 24.42 -14.77
C TRP B 54 7.73 23.06 -14.77
N HIS B 55 6.44 23.06 -15.09
CA HIS B 55 5.66 21.82 -15.16
C HIS B 55 6.12 20.88 -16.28
N LYS B 56 6.47 21.44 -17.42
CA LYS B 56 6.95 20.64 -18.53
C LYS B 56 8.31 20.05 -18.20
N GLN B 57 9.19 20.82 -17.55
CA GLN B 57 10.49 20.31 -17.19
C GLN B 57 10.36 19.25 -16.08
N PHE B 58 9.45 19.46 -15.14
CA PHE B 58 9.28 18.49 -14.06
C PHE B 58 8.83 17.13 -14.64
N LEU B 59 8.01 17.18 -15.69
CA LEU B 59 7.54 15.95 -16.33
C LEU B 59 8.72 15.10 -16.82
N LYS B 60 9.63 15.75 -17.55
CA LYS B 60 10.83 15.11 -18.07
C LYS B 60 11.68 14.56 -16.93
N PHE B 61 11.82 15.35 -15.86
CA PHE B 61 12.61 14.97 -14.69
C PHE B 61 12.01 13.73 -14.08
N ALA B 62 10.69 13.75 -13.91
CA ALA B 62 10.02 12.60 -13.28
C ALA B 62 10.07 11.35 -14.15
N GLN B 63 9.95 11.50 -15.45
CA GLN B 63 10.03 10.34 -16.32
C GLN B 63 11.42 9.70 -16.22
N ALA B 64 12.44 10.47 -15.83
CA ALA B 64 13.78 9.89 -15.73
C ALA B 64 14.14 9.42 -14.29
N LEU B 65 13.20 9.51 -13.38
CA LEU B 65 13.48 9.05 -11.99
C LEU B 65 13.20 7.54 -11.87
N PRO B 66 13.76 6.88 -10.85
CA PRO B 66 13.48 5.44 -10.71
C PRO B 66 12.02 5.17 -10.30
N ALA B 67 11.48 4.02 -10.74
CA ALA B 67 10.16 3.59 -10.34
C ALA B 67 10.45 2.55 -9.25
N HIS B 68 11.73 2.38 -8.92
CA HIS B 68 12.11 1.53 -7.78
C HIS B 68 11.57 2.40 -6.58
N GLY B 69 11.60 1.86 -5.37
CA GLY B 69 11.06 2.57 -4.22
C GLY B 69 11.88 3.70 -3.66
N SER B 70 13.11 3.87 -4.14
CA SER B 70 13.96 4.93 -3.62
C SER B 70 14.88 5.44 -4.70
N ALA B 71 15.62 6.49 -4.41
CA ALA B 71 16.54 7.07 -5.39
C ALA B 71 17.81 7.52 -4.67
N SER B 72 18.97 7.22 -5.26
CA SER B 72 20.25 7.64 -4.70
C SER B 72 20.53 9.02 -5.32
N TRP B 73 21.56 9.72 -4.84
CA TRP B 73 21.90 11.02 -5.37
C TRP B 73 22.12 10.88 -6.88
N LEU B 74 22.92 9.87 -7.24
CA LEU B 74 23.18 9.64 -8.66
C LEU B 74 21.89 9.52 -9.47
N ASN B 75 20.92 8.73 -8.96
CA ASN B 75 19.64 8.61 -9.67
C ASN B 75 18.98 9.99 -9.87
N LEU B 76 19.02 10.83 -8.82
CA LEU B 76 18.42 12.18 -8.89
C LEU B 76 19.19 13.08 -9.86
N ASP B 77 20.52 13.03 -9.76
CA ASP B 77 21.36 13.86 -10.64
C ASP B 77 21.23 13.41 -12.08
N ASP B 78 21.11 12.10 -12.32
CA ASP B 78 20.91 11.63 -13.69
C ASP B 78 19.57 12.19 -14.24
N ALA B 79 18.53 12.16 -13.39
CA ALA B 79 17.22 12.66 -13.80
C ALA B 79 17.27 14.15 -14.09
N LEU B 80 18.11 14.88 -13.37
CA LEU B 80 18.23 16.31 -13.64
C LEU B 80 18.65 16.56 -15.10
N GLN B 81 19.48 15.67 -15.65
CA GLN B 81 19.96 15.80 -17.03
C GLN B 81 18.88 15.73 -18.09
N ALA B 82 17.73 15.11 -17.78
CA ALA B 82 16.64 15.03 -18.76
C ALA B 82 16.02 16.40 -18.93
N VAL B 83 16.35 17.30 -18.01
CA VAL B 83 15.82 18.67 -18.06
C VAL B 83 16.62 19.49 -19.09
N VAL B 84 15.93 20.25 -19.92
CA VAL B 84 16.62 21.07 -20.91
C VAL B 84 17.74 21.81 -20.21
N GLY B 85 18.93 21.72 -20.79
CA GLY B 85 20.11 22.31 -20.22
C GLY B 85 20.07 23.76 -19.79
N ASN B 86 19.53 24.62 -20.64
CA ASN B 86 19.50 26.03 -20.32
C ASN B 86 18.63 26.30 -19.10
N SER B 87 17.65 25.43 -18.86
CA SER B 87 16.71 25.58 -17.74
C SER B 87 17.02 24.74 -16.49
N ARG B 88 18.05 23.90 -16.57
CA ARG B 88 18.41 23.03 -15.47
C ARG B 88 18.61 23.74 -14.13
N SER B 89 19.43 24.78 -14.12
CA SER B 89 19.69 25.52 -12.89
C SER B 89 18.44 26.05 -12.21
N ALA B 90 17.55 26.62 -13.02
CA ALA B 90 16.32 27.20 -12.54
C ALA B 90 15.41 26.09 -12.03
N PHE B 91 15.26 25.05 -12.82
CA PHE B 91 14.45 23.92 -12.44
C PHE B 91 14.82 23.43 -11.07
N LEU B 92 16.11 23.15 -10.89
CA LEU B 92 16.67 22.62 -9.66
C LEU B 92 16.48 23.52 -8.42
N HIS B 93 16.75 24.81 -8.52
N HIS B 93 16.74 24.81 -8.56
CA HIS B 93 16.55 25.67 -7.36
CA HIS B 93 16.57 25.79 -7.49
C HIS B 93 15.06 25.80 -7.04
C HIS B 93 15.11 25.84 -7.07
N GLN B 94 14.22 25.86 -8.07
CA GLN B 94 12.78 25.93 -7.86
C GLN B 94 12.21 24.66 -7.25
N LEU B 95 12.79 23.51 -7.63
CA LEU B 95 12.36 22.21 -7.10
C LEU B 95 12.68 22.15 -5.59
N ILE B 96 13.88 22.59 -5.25
CA ILE B 96 14.33 22.61 -3.87
C ILE B 96 13.43 23.56 -3.05
N ALA B 97 13.16 24.76 -3.56
CA ALA B 97 12.31 25.71 -2.82
C ALA B 97 10.92 25.10 -2.61
N LYS B 98 10.33 24.53 -3.65
CA LYS B 98 9.01 23.91 -3.51
C LYS B 98 9.02 22.80 -2.48
N LEU B 99 10.07 21.98 -2.48
CA LEU B 99 10.14 20.88 -1.51
C LEU B 99 10.35 21.40 -0.09
N LYS B 100 11.24 22.39 0.06
CA LYS B 100 11.49 22.96 1.40
C LYS B 100 10.21 23.62 2.01
N SER B 101 9.36 24.17 1.15
CA SER B 101 8.12 24.80 1.61
C SER B 101 7.13 23.73 2.11
N ARG B 102 6.98 22.60 1.40
CA ARG B 102 6.09 21.54 1.87
C ARG B 102 6.74 20.79 2.97
N HIS B 103 8.06 20.82 3.01
CA HIS B 103 8.75 20.10 4.08
C HIS B 103 8.22 20.63 5.42
N LEU B 104 8.12 21.96 5.54
CA LEU B 104 7.63 22.60 6.78
C LEU B 104 6.16 22.20 7.04
N GLN B 105 5.38 22.16 5.99
CA GLN B 105 3.98 21.80 6.10
C GLN B 105 3.72 20.38 6.58
N VAL B 106 4.64 19.42 6.34
CA VAL B 106 4.30 18.09 6.80
C VAL B 106 4.23 18.01 8.31
N LEU B 107 4.94 18.92 8.99
CA LEU B 107 4.92 18.97 10.46
C LEU B 107 3.49 19.21 10.99
N GLU B 108 2.66 19.91 10.22
CA GLU B 108 1.27 20.14 10.61
C GLU B 108 0.44 18.86 10.63
N LEU B 109 0.93 17.76 10.01
CA LEU B 109 0.16 16.51 10.02
C LEU B 109 0.16 15.89 11.40
N ASN B 110 1.06 16.33 12.27
CA ASN B 110 1.09 15.74 13.62
C ASN B 110 -0.17 16.11 14.41
N LYS B 111 -0.84 17.18 13.97
CA LYS B 111 -2.08 17.63 14.61
C LYS B 111 -3.14 16.57 14.30
N ILE B 112 -3.46 16.47 13.02
CA ILE B 112 -4.45 15.50 12.52
C ILE B 112 -4.11 14.09 12.99
N GLY B 113 -2.85 13.69 12.81
CA GLY B 113 -2.39 12.37 13.19
C GLY B 113 -2.45 12.04 14.66
N SER B 114 -2.66 13.03 15.52
CA SER B 114 -2.72 12.82 16.96
C SER B 114 -4.14 12.60 17.45
N GLU B 115 -5.11 13.07 16.68
CA GLU B 115 -6.51 12.90 17.03
C GLU B 115 -6.79 11.43 17.20
N PRO B 116 -7.23 11.01 18.38
CA PRO B 116 -7.49 9.58 18.53
C PRO B 116 -8.69 9.12 17.72
N LEU B 117 -8.64 7.86 17.31
CA LEU B 117 -9.73 7.27 16.55
C LEU B 117 -9.82 5.82 16.87
N ASP B 118 -11.04 5.31 16.88
CA ASP B 118 -11.28 3.92 17.15
C ASP B 118 -12.05 3.33 15.99
N LEU B 119 -11.56 2.22 15.48
CA LEU B 119 -12.23 1.55 14.38
C LEU B 119 -12.23 0.09 14.79
N SER B 120 -13.36 -0.57 14.63
CA SER B 120 -13.50 -1.99 15.00
C SER B 120 -13.03 -2.23 16.42
N ASN B 121 -13.28 -1.28 17.32
CA ASN B 121 -12.94 -1.44 18.73
C ASN B 121 -11.45 -1.47 19.02
N LEU B 122 -10.68 -0.75 18.21
CA LEU B 122 -9.23 -0.67 18.42
C LEU B 122 -8.77 0.74 18.06
N PRO B 123 -7.69 1.22 18.68
CA PRO B 123 -7.20 2.57 18.34
C PRO B 123 -6.65 2.46 16.91
N ALA B 124 -7.09 3.32 16.00
CA ALA B 124 -6.63 3.25 14.61
C ALA B 124 -5.55 4.30 14.34
N PRO B 125 -4.31 3.85 14.18
CA PRO B 125 -3.22 4.80 13.91
C PRO B 125 -3.31 5.47 12.56
N PHE B 126 -2.73 6.67 12.49
CA PHE B 126 -2.68 7.52 11.29
C PHE B 126 -1.40 7.23 10.46
N TYR B 127 -1.52 7.14 9.13
CA TYR B 127 -0.36 6.98 8.22
C TYR B 127 -0.66 7.66 6.92
N VAL B 128 0.32 8.40 6.42
CA VAL B 128 0.20 9.01 5.10
C VAL B 128 0.26 7.78 4.15
N LEU B 129 -0.45 7.85 3.04
CA LEU B 129 -0.49 6.75 2.08
C LEU B 129 0.11 7.27 0.77
N LEU B 130 1.23 6.67 0.33
CA LEU B 130 1.87 7.13 -0.92
C LEU B 130 2.34 6.02 -1.89
N PRO B 131 2.62 6.38 -3.17
CA PRO B 131 3.06 5.40 -4.15
C PRO B 131 4.36 4.75 -3.67
N GLU B 132 4.52 3.46 -3.95
CA GLU B 132 5.76 2.76 -3.61
C GLU B 132 6.85 3.31 -4.57
N SER B 133 6.43 3.56 -5.81
CA SER B 133 7.33 4.09 -6.83
C SER B 133 7.79 5.49 -6.47
N PHE B 134 9.11 5.68 -6.49
CA PHE B 134 9.71 6.97 -6.17
C PHE B 134 9.27 8.07 -7.14
N ALA B 135 9.29 7.76 -8.44
CA ALA B 135 8.88 8.79 -9.40
C ALA B 135 7.42 9.21 -9.20
N ALA B 136 6.54 8.23 -8.94
CA ALA B 136 5.11 8.51 -8.73
C ALA B 136 4.94 9.25 -7.39
N ARG B 137 5.71 8.88 -6.40
CA ARG B 137 5.61 9.51 -5.09
C ARG B 137 6.06 10.97 -5.05
N ILE B 138 7.23 11.23 -5.63
CA ILE B 138 7.77 12.58 -5.63
C ILE B 138 6.91 13.47 -6.51
N THR B 139 6.30 12.89 -7.55
CA THR B 139 5.40 13.66 -8.43
C THR B 139 4.17 14.08 -7.55
N LEU B 140 3.65 13.14 -6.77
CA LEU B 140 2.50 13.47 -5.95
C LEU B 140 2.83 14.57 -4.91
N LEU B 141 3.92 14.38 -4.16
CA LEU B 141 4.35 15.32 -3.12
C LEU B 141 4.65 16.71 -3.65
N VAL B 142 5.17 16.77 -4.87
CA VAL B 142 5.50 18.05 -5.42
C VAL B 142 4.33 18.75 -6.10
N GLN B 143 3.56 18.04 -6.91
CA GLN B 143 2.51 18.74 -7.61
C GLN B 143 1.04 18.55 -7.28
N ASP B 144 0.67 17.53 -6.54
CA ASP B 144 -0.73 17.38 -6.21
C ASP B 144 -1.15 18.41 -5.14
N LYS B 145 -2.45 18.64 -5.04
CA LYS B 145 -3.02 19.60 -4.09
C LYS B 145 -3.33 18.93 -2.78
N ALA B 146 -3.33 17.60 -2.81
CA ALA B 146 -3.66 16.81 -1.65
C ALA B 146 -2.69 15.70 -1.37
N LEU B 147 -2.68 15.24 -0.12
CA LEU B 147 -1.84 14.16 0.32
C LEU B 147 -2.77 13.10 0.93
N PRO B 148 -2.73 11.85 0.42
CA PRO B 148 -3.64 10.87 1.03
C PRO B 148 -3.15 10.27 2.31
N TYR B 149 -4.10 9.72 3.10
CA TYR B 149 -3.74 9.14 4.38
C TYR B 149 -4.77 8.13 4.77
N VAL B 150 -4.42 7.31 5.74
CA VAL B 150 -5.33 6.29 6.18
C VAL B 150 -5.31 6.19 7.66
N ARG B 151 -6.34 5.53 8.17
CA ARG B 151 -6.47 5.20 9.57
C ARG B 151 -6.51 3.69 9.45
N VAL B 152 -5.60 3.04 10.13
CA VAL B 152 -5.51 1.60 10.02
C VAL B 152 -6.09 0.79 11.14
N SER B 153 -6.74 -0.32 10.80
CA SER B 153 -7.26 -1.21 11.83
C SER B 153 -7.23 -2.66 11.33
N MSE B 154 -8.10 -3.51 11.89
CA MSE B 154 -8.18 -4.90 11.47
C MSE B 154 -9.50 -5.50 11.97
O MSE B 154 -10.11 -5.01 12.93
CB MSE B 154 -7.04 -5.70 12.06
CG MSE B 154 -6.95 -5.61 13.57
SE MSE B 154 -5.47 -6.63 14.16
CE MSE B 154 -4.05 -5.46 13.81
N GLU B 155 -9.92 -6.56 11.28
CA GLU B 155 -11.13 -7.29 11.65
C GLU B 155 -10.65 -8.71 11.89
N TYR B 156 -11.02 -9.31 13.02
CA TYR B 156 -10.61 -10.68 13.27
C TYR B 156 -11.54 -11.55 12.45
N TRP B 157 -11.02 -12.66 11.92
CA TRP B 157 -11.83 -13.55 11.11
C TRP B 157 -12.95 -14.15 12.00
N HIS B 158 -12.66 -14.41 13.27
CA HIS B 158 -13.68 -15.00 14.14
C HIS B 158 -14.93 -14.12 14.22
N ALA B 159 -14.73 -12.80 14.12
CA ALA B 159 -15.81 -11.83 14.19
C ALA B 159 -16.56 -11.78 12.87
N LEU B 160 -16.05 -12.54 11.88
CA LEU B 160 -16.66 -12.55 10.56
C LEU B 160 -17.43 -13.83 10.38
N GLU B 161 -17.42 -14.70 11.39
CA GLU B 161 -18.18 -15.95 11.28
C GLU B 161 -19.67 -15.69 11.50
N TYR B 162 -20.51 -16.67 11.13
CA TYR B 162 -21.96 -16.53 11.29
C TYR B 162 -22.34 -16.50 12.77
N LYS B 163 -23.10 -15.49 13.16
CA LYS B 163 -23.49 -15.42 14.55
C LYS B 163 -24.99 -15.37 14.81
N GLY B 164 -25.73 -16.16 14.03
CA GLY B 164 -27.17 -16.24 14.24
C GLY B 164 -28.07 -15.22 13.56
N GLU B 165 -29.38 -15.52 13.54
CA GLU B 165 -30.39 -14.69 12.89
C GLU B 165 -30.84 -13.47 13.68
N LEU B 166 -30.38 -13.36 14.92
CA LEU B 166 -30.72 -12.22 15.74
C LEU B 166 -29.49 -11.31 15.77
N ASN B 167 -28.66 -11.47 14.75
CA ASN B 167 -27.42 -10.70 14.58
C ASN B 167 -26.44 -10.96 15.73
#